data_8YFN
#
_entry.id   8YFN
#
_cell.length_a   51.369
_cell.length_b   51.369
_cell.length_c   85.210
_cell.angle_alpha   90.00
_cell.angle_beta   90.00
_cell.angle_gamma   90.00
#
_symmetry.space_group_name_H-M   'P 43'
#
loop_
_entity.id
_entity.type
_entity.pdbx_description
1 polymer 'RB1-inducible coiled-coil protein 1'
2 polymer 'TNIP1_FIR_pS123 peptide with an elongated C terminus'
3 non-polymer 'MAGNESIUM ION'
4 non-polymer GLYCEROL
5 water water
#
loop_
_entity_poly.entity_id
_entity_poly.type
_entity_poly.pdbx_seq_one_letter_code
_entity_poly.pdbx_strand_id
1 'polypeptide(L)'
;SRHSEKIAIRDFQVGDLVLIILDERHDNYVLFTVSPTLYFLHSESLPALDLKPGEGASGASRRPWVLGKVMEKEYCQAKK
AQNRFKVPLGTKFYRVKAVSWNKKV
;
A,C
2 'polypeptide(L)' SSGTS(SEP)EFEVVTPEEQ B,D
#
loop_
_chem_comp.id
_chem_comp.type
_chem_comp.name
_chem_comp.formula
GOL non-polymer GLYCEROL 'C3 H8 O3'
MG non-polymer 'MAGNESIUM ION' 'Mg 2'
#
# COMPACT_ATOMS: atom_id res chain seq x y z
N GLU A 5 5.79 0.24 -13.40
CA GLU A 5 4.84 0.69 -12.39
C GLU A 5 5.25 0.20 -11.01
N LYS A 6 6.29 0.82 -10.47
CA LYS A 6 6.75 0.52 -9.13
C LYS A 6 6.75 1.81 -8.32
N ILE A 7 6.35 1.71 -7.06
CA ILE A 7 6.11 2.88 -6.23
C ILE A 7 7.05 2.89 -5.02
N ALA A 8 7.45 4.10 -4.64
CA ALA A 8 8.10 4.35 -3.37
C ALA A 8 7.08 4.28 -2.23
N ILE A 9 7.55 3.86 -1.06
CA ILE A 9 6.70 3.63 0.11
C ILE A 9 7.21 4.35 1.34
N ARG A 10 8.36 5.01 1.27
CA ARG A 10 8.87 5.84 2.35
C ARG A 10 10.03 6.66 1.80
N ASP A 11 10.43 7.67 2.57
CA ASP A 11 11.57 8.53 2.22
C ASP A 11 11.39 9.10 0.81
N PHE A 12 10.18 9.60 0.56
CA PHE A 12 9.79 10.06 -0.77
C PHE A 12 10.68 11.20 -1.24
N GLN A 13 11.17 11.06 -2.46
CA GLN A 13 12.02 12.05 -3.10
C GLN A 13 11.33 12.55 -4.36
N VAL A 14 11.71 13.78 -4.77
CA VAL A 14 11.25 14.32 -6.03
C VAL A 14 11.49 13.31 -7.13
N GLY A 15 10.47 13.06 -7.94
CA GLY A 15 10.57 12.12 -9.03
C GLY A 15 9.97 10.76 -8.74
N ASP A 16 9.68 10.46 -7.48
CA ASP A 16 9.14 9.15 -7.13
C ASP A 16 7.71 9.02 -7.65
N LEU A 17 7.47 7.95 -8.39
CA LEU A 17 6.12 7.44 -8.57
C LEU A 17 5.58 6.95 -7.23
N VAL A 18 4.39 7.44 -6.87
CA VAL A 18 3.78 7.19 -5.57
C VAL A 18 2.33 6.82 -5.78
N LEU A 19 1.74 6.21 -4.75
CA LEU A 19 0.33 5.83 -4.73
C LEU A 19 -0.37 6.79 -3.79
N ILE A 20 -1.36 7.52 -4.31
CA ILE A 20 -2.06 8.55 -3.56
C ILE A 20 -3.44 7.99 -3.21
N ILE A 21 -3.76 7.99 -1.93
CA ILE A 21 -4.91 7.25 -1.42
C ILE A 21 -5.75 8.18 -0.56
N LEU A 22 -7.05 7.94 -0.58
CA LEU A 22 -7.95 8.66 0.29
C LEU A 22 -7.79 8.17 1.73
N ASP A 23 -7.58 9.10 2.66
CA ASP A 23 -7.51 8.79 4.08
C ASP A 23 -8.68 9.47 4.77
N GLU A 24 -9.70 8.69 5.12
CA GLU A 24 -10.90 9.27 5.71
C GLU A 24 -10.74 9.63 7.17
N ARG A 25 -9.85 8.94 7.91
CA ARG A 25 -9.56 9.35 9.28
C ARG A 25 -9.03 10.79 9.32
N HIS A 26 -8.19 11.15 8.35
CA HIS A 26 -7.66 12.51 8.26
C HIS A 26 -8.34 13.33 7.19
N ASP A 27 -9.37 12.76 6.54
CA ASP A 27 -10.18 13.45 5.55
C ASP A 27 -9.35 14.25 4.56
N ASN A 28 -8.25 13.65 4.12
CA ASN A 28 -7.40 14.21 3.08
C ASN A 28 -6.85 13.07 2.25
N TYR A 29 -6.16 13.43 1.17
CA TYR A 29 -5.40 12.45 0.41
C TYR A 29 -3.97 12.42 0.97
N VAL A 30 -3.42 11.20 1.08
CA VAL A 30 -2.07 11.00 1.59
C VAL A 30 -1.34 10.04 0.66
N LEU A 31 -0.01 10.08 0.75
CA LEU A 31 0.80 9.08 0.07
C LEU A 31 0.70 7.77 0.84
N PHE A 32 0.45 6.67 0.13
CA PHE A 32 0.56 5.36 0.73
C PHE A 32 2.00 5.13 1.22
N THR A 33 2.14 4.77 2.49
CA THR A 33 3.49 4.66 3.04
C THR A 33 3.51 3.61 4.16
N VAL A 34 4.66 2.97 4.36
CA VAL A 34 4.81 2.13 5.56
C VAL A 34 5.36 2.93 6.71
N SER A 35 5.81 4.16 6.47
CA SER A 35 6.29 4.94 7.59
C SER A 35 5.10 5.49 8.39
N PRO A 36 5.28 5.73 9.67
CA PRO A 36 4.20 6.36 10.45
C PRO A 36 4.03 7.84 10.15
N THR A 37 5.03 8.50 9.57
CA THR A 37 4.92 9.93 9.25
C THR A 37 3.84 10.17 8.21
N LEU A 38 3.09 11.25 8.37
CA LEU A 38 2.00 11.57 7.43
C LEU A 38 2.51 12.43 6.27
N TYR A 39 2.20 12.00 5.06
CA TYR A 39 2.54 12.74 3.84
C TYR A 39 1.23 13.17 3.19
N PHE A 40 0.73 14.36 3.57
CA PHE A 40 -0.52 14.84 2.99
C PHE A 40 -0.29 15.35 1.58
N LEU A 41 -1.23 15.01 0.69
CA LEU A 41 -1.18 15.61 -0.64
C LEU A 41 -1.52 17.10 -0.56
N HIS A 42 -0.64 17.94 -1.10
CA HIS A 42 -0.90 19.38 -1.15
C HIS A 42 -2.20 19.64 -1.89
N SER A 43 -3.04 20.51 -1.33
CA SER A 43 -4.35 20.75 -1.93
C SER A 43 -4.27 21.35 -3.33
N GLU A 44 -3.18 22.05 -3.67
CA GLU A 44 -2.99 22.55 -5.03
C GLU A 44 -3.02 21.40 -6.02
N SER A 45 -2.65 20.19 -5.57
CA SER A 45 -2.43 19.09 -6.49
C SER A 45 -3.71 18.40 -6.93
N LEU A 46 -4.81 18.59 -6.20
CA LEU A 46 -6.04 17.86 -6.42
C LEU A 46 -6.54 17.95 -7.88
N PRO A 47 -6.71 19.16 -8.46
CA PRO A 47 -7.17 19.20 -9.87
C PRO A 47 -6.19 18.52 -10.82
N ALA A 48 -4.89 18.66 -10.59
CA ALA A 48 -3.92 18.05 -11.49
C ALA A 48 -4.08 16.54 -11.51
N LEU A 49 -4.53 15.95 -10.41
CA LEU A 49 -4.76 14.51 -10.28
C LEU A 49 -6.22 14.13 -10.46
N ASP A 50 -7.05 15.07 -10.91
CA ASP A 50 -8.50 14.93 -11.00
C ASP A 50 -9.09 14.27 -9.75
N LEU A 51 -8.84 14.93 -8.61
CA LEU A 51 -9.46 14.62 -7.33
C LEU A 51 -10.20 15.85 -6.81
N LYS A 52 -11.41 15.65 -6.32
CA LYS A 52 -12.17 16.76 -5.74
C LYS A 52 -11.94 16.82 -4.23
N PRO A 53 -12.25 17.96 -3.58
CA PRO A 53 -12.10 18.08 -2.13
C PRO A 53 -13.17 17.34 -1.33
N ARG A 62 -13.61 11.41 -4.05
CA ARG A 62 -14.24 10.12 -3.85
C ARG A 62 -13.46 9.00 -4.56
N ARG A 63 -12.61 9.39 -5.52
CA ARG A 63 -11.77 8.41 -6.17
C ARG A 63 -10.87 7.75 -5.12
N PRO A 64 -10.82 6.42 -5.07
CA PRO A 64 -10.13 5.76 -3.95
C PRO A 64 -8.62 5.89 -3.98
N TRP A 65 -8.01 5.89 -5.17
CA TRP A 65 -6.56 5.98 -5.22
C TRP A 65 -6.16 6.41 -6.62
N VAL A 66 -4.97 7.00 -6.71
CA VAL A 66 -4.38 7.33 -8.00
C VAL A 66 -2.86 7.23 -7.86
N LEU A 67 -2.21 6.96 -8.98
CA LEU A 67 -0.76 7.07 -9.06
C LEU A 67 -0.37 8.52 -9.36
N GLY A 68 0.72 8.97 -8.72
CA GLY A 68 1.25 10.28 -9.00
C GLY A 68 2.78 10.25 -8.99
N LYS A 69 3.35 11.36 -9.48
CA LYS A 69 4.78 11.59 -9.43
C LYS A 69 5.04 12.73 -8.46
N VAL A 70 5.89 12.48 -7.46
CA VAL A 70 6.23 13.49 -6.47
C VAL A 70 7.04 14.59 -7.14
N MET A 71 6.65 15.85 -6.89
CA MET A 71 7.34 16.97 -7.50
C MET A 71 7.82 18.00 -6.50
N GLU A 72 7.33 17.98 -5.27
CA GLU A 72 7.73 18.92 -4.25
C GLU A 72 7.29 18.40 -2.90
N LYS A 73 8.09 18.65 -1.87
CA LYS A 73 7.64 18.25 -0.55
C LYS A 73 8.07 19.29 0.47
N GLU A 74 7.31 19.33 1.55
CA GLU A 74 7.30 20.42 2.51
C GLU A 74 7.09 19.80 3.88
N TYR A 75 7.92 20.17 4.84
CA TYR A 75 7.85 19.63 6.19
C TYR A 75 7.18 20.66 7.10
N CYS A 76 6.07 20.27 7.73
CA CYS A 76 5.19 21.19 8.44
C CYS A 76 4.97 20.75 9.88
N GLN A 77 4.41 21.67 10.66
CA GLN A 77 4.06 21.39 12.05
C GLN A 77 2.73 22.07 12.37
N ALA A 78 1.73 21.26 12.74
CA ALA A 78 0.46 21.78 13.21
C ALA A 78 0.65 22.70 14.41
N LYS A 79 0.05 23.89 14.35
CA LYS A 79 0.20 24.83 15.45
C LYS A 79 -1.11 25.16 16.13
N LYS A 80 -2.21 24.49 15.77
CA LYS A 80 -3.43 24.56 16.56
C LYS A 80 -4.09 23.20 16.59
N ALA A 81 -4.96 23.02 17.59
CA ALA A 81 -5.52 21.71 17.90
C ALA A 81 -6.46 21.24 16.80
N GLN A 82 -7.50 22.01 16.51
CA GLN A 82 -8.30 21.71 15.33
C GLN A 82 -7.61 22.30 14.11
N ASN A 83 -7.35 21.45 13.11
CA ASN A 83 -6.68 21.84 11.89
C ASN A 83 -7.28 21.05 10.75
N ARG A 84 -7.01 21.48 9.52
CA ARG A 84 -7.59 20.84 8.36
C ARG A 84 -7.09 19.40 8.17
N PHE A 85 -6.02 19.00 8.86
CA PHE A 85 -5.47 17.67 8.70
C PHE A 85 -5.99 16.69 9.73
N LYS A 86 -6.70 17.17 10.75
CA LYS A 86 -7.23 16.32 11.82
C LYS A 86 -6.11 15.56 12.53
N VAL A 87 -4.97 16.24 12.75
CA VAL A 87 -3.85 15.67 13.48
C VAL A 87 -3.69 16.44 14.80
N PRO A 88 -3.15 15.85 15.86
CA PRO A 88 -3.05 16.58 17.13
C PRO A 88 -2.10 17.77 17.03
N LEU A 89 -2.26 18.69 17.97
CA LEU A 89 -1.36 19.83 18.06
C LEU A 89 0.08 19.35 18.14
N GLY A 90 1.00 20.10 17.50
CA GLY A 90 2.41 19.77 17.55
C GLY A 90 2.85 18.69 16.60
N THR A 91 1.91 17.90 16.05
CA THR A 91 2.23 16.87 15.06
C THR A 91 3.04 17.45 13.90
N LYS A 92 4.04 16.69 13.44
CA LYS A 92 4.83 17.04 12.27
C LYS A 92 4.54 16.07 11.14
N PHE A 93 4.41 16.63 9.93
CA PHE A 93 3.90 15.92 8.77
C PHE A 93 4.47 16.59 7.52
N TYR A 94 4.33 15.91 6.40
CA TYR A 94 4.76 16.48 5.13
C TYR A 94 3.55 16.89 4.30
N ARG A 95 3.78 17.89 3.44
CA ARG A 95 2.86 18.25 2.38
C ARG A 95 3.56 18.03 1.05
N VAL A 96 2.92 17.31 0.15
CA VAL A 96 3.54 16.89 -1.10
C VAL A 96 2.69 17.38 -2.26
N LYS A 97 3.34 17.99 -3.25
CA LYS A 97 2.73 18.30 -4.54
C LYS A 97 3.10 17.20 -5.52
N ALA A 98 2.10 16.68 -6.24
CA ALA A 98 2.32 15.59 -7.19
C ALA A 98 1.49 15.82 -8.45
N VAL A 99 2.01 15.36 -9.60
CA VAL A 99 1.30 15.41 -10.87
C VAL A 99 1.00 13.97 -11.31
N SER A 100 0.22 13.89 -12.39
CA SER A 100 -0.23 12.60 -12.92
C SER A 100 0.92 11.80 -13.50
N TRP A 101 0.83 10.48 -13.34
CA TRP A 101 1.83 9.58 -13.89
C TRP A 101 1.89 9.76 -15.40
N ASN A 102 0.91 9.22 -16.12
CA ASN A 102 0.85 9.44 -17.56
C ASN A 102 -0.55 9.27 -18.12
N SER B 5 -2.55 28.81 6.29
CA SER B 5 -3.11 29.42 7.49
C SER B 5 -2.10 29.49 8.64
N SEP B 6 -2.61 29.90 9.80
CA SEP B 6 -1.85 29.87 11.05
CB SEP B 6 -2.34 30.94 12.00
OG SEP B 6 -3.63 30.61 12.49
C SEP B 6 -2.01 28.50 11.69
O SEP B 6 -1.59 28.28 12.83
P SEP B 6 -4.57 31.91 12.49
O1P SEP B 6 -5.90 31.62 13.35
O2P SEP B 6 -3.76 33.12 13.17
O3P SEP B 6 -4.97 32.28 10.97
N GLU B 7 -2.66 27.59 10.97
CA GLU B 7 -2.87 26.24 11.43
C GLU B 7 -1.54 25.52 11.61
N PHE B 8 -0.64 25.74 10.65
CA PHE B 8 0.60 24.99 10.58
C PHE B 8 1.68 25.89 10.02
N GLU B 9 2.91 25.68 10.47
CA GLU B 9 4.06 26.41 9.96
C GLU B 9 5.06 25.44 9.34
N VAL B 10 5.82 25.95 8.36
CA VAL B 10 6.88 25.18 7.75
C VAL B 10 8.06 25.10 8.70
N VAL B 11 8.65 23.91 8.83
CA VAL B 11 9.69 23.65 9.81
C VAL B 11 10.78 22.81 9.17
N THR B 12 12.02 23.02 9.62
CA THR B 12 13.17 22.32 9.05
C THR B 12 13.34 20.95 9.71
N PRO B 13 13.48 19.85 8.94
CA PRO B 13 13.62 18.50 9.49
C PRO B 13 14.91 18.31 10.31
N GLU C 5 14.19 1.46 -3.19
CA GLU C 5 13.23 0.57 -2.53
C GLU C 5 11.82 0.80 -3.07
N LYS C 6 11.56 0.29 -4.27
CA LYS C 6 10.31 0.52 -4.96
C LYS C 6 9.60 -0.80 -5.20
N ILE C 7 8.30 -0.83 -4.95
CA ILE C 7 7.54 -2.08 -4.95
C ILE C 7 6.52 -2.08 -6.09
N ALA C 8 6.24 -3.29 -6.57
CA ALA C 8 5.14 -3.53 -7.49
C ALA C 8 3.82 -3.53 -6.73
N ILE C 9 2.74 -3.24 -7.46
CA ILE C 9 1.41 -3.16 -6.84
C ILE C 9 0.38 -3.94 -7.61
N ARG C 10 0.76 -4.59 -8.70
CA ARG C 10 -0.13 -5.45 -9.47
C ARG C 10 0.71 -6.12 -10.55
N ASP C 11 0.09 -7.04 -11.28
CA ASP C 11 0.74 -7.81 -12.34
C ASP C 11 2.12 -8.32 -11.88
N PHE C 12 2.13 -8.88 -10.66
CA PHE C 12 3.37 -9.30 -10.03
C PHE C 12 4.08 -10.37 -10.85
N GLN C 13 5.37 -10.15 -11.08
CA GLN C 13 6.23 -11.04 -11.84
C GLN C 13 7.43 -11.47 -10.99
N VAL C 14 8.07 -12.56 -11.42
CA VAL C 14 9.24 -13.07 -10.72
C VAL C 14 10.30 -11.98 -10.63
N GLY C 15 10.81 -11.75 -9.41
CA GLY C 15 11.81 -10.75 -9.17
C GLY C 15 11.27 -9.45 -8.61
N ASP C 16 9.96 -9.22 -8.69
CA ASP C 16 9.40 -7.98 -8.16
C ASP C 16 9.58 -7.91 -6.65
N LEU C 17 10.19 -6.82 -6.19
CA LEU C 17 10.03 -6.41 -4.80
C LEU C 17 8.56 -6.12 -4.52
N VAL C 18 8.05 -6.62 -3.39
CA VAL C 18 6.64 -6.53 -3.04
C VAL C 18 6.53 -6.25 -1.56
N LEU C 19 5.40 -5.66 -1.17
CA LEU C 19 5.06 -5.42 0.22
C LEU C 19 4.09 -6.51 0.63
N ILE C 20 4.48 -7.29 1.63
CA ILE C 20 3.69 -8.42 2.10
C ILE C 20 3.03 -7.99 3.41
N ILE C 21 1.70 -7.96 3.41
CA ILE C 21 0.96 -7.39 4.52
C ILE C 21 0.02 -8.44 5.09
N LEU C 22 -0.17 -8.37 6.40
CA LEU C 22 -1.12 -9.23 7.09
C LEU C 22 -2.55 -8.76 6.78
N ASP C 23 -3.37 -9.68 6.24
CA ASP C 23 -4.77 -9.41 5.92
C ASP C 23 -5.64 -10.23 6.86
N GLU C 24 -6.35 -9.55 7.76
CA GLU C 24 -7.08 -10.24 8.81
C GLU C 24 -8.49 -10.67 8.40
N ARG C 25 -9.11 -9.99 7.43
CA ARG C 25 -10.38 -10.47 6.90
C ARG C 25 -10.24 -11.89 6.33
N HIS C 26 -9.11 -12.16 5.64
CA HIS C 26 -8.83 -13.49 5.14
C HIS C 26 -7.78 -14.23 5.96
N ASP C 27 -7.36 -13.63 7.08
CA ASP C 27 -6.45 -14.23 8.04
C ASP C 27 -5.29 -14.94 7.34
N ASN C 28 -4.65 -14.23 6.42
CA ASN C 28 -3.43 -14.69 5.76
C ASN C 28 -2.55 -13.49 5.52
N TYR C 29 -1.30 -13.78 5.13
CA TYR C 29 -0.48 -12.76 4.52
C TYR C 29 -0.81 -12.67 3.04
N VAL C 30 -0.87 -11.45 2.52
CA VAL C 30 -1.14 -11.20 1.11
C VAL C 30 -0.15 -10.15 0.62
N LEU C 31 0.00 -10.11 -0.69
CA LEU C 31 0.72 -9.01 -1.32
C LEU C 31 -0.17 -7.77 -1.28
N PHE C 32 0.37 -6.66 -0.78
CA PHE C 32 -0.29 -5.38 -0.97
C PHE C 32 -0.50 -5.13 -2.46
N THR C 33 -1.74 -4.88 -2.86
CA THR C 33 -2.01 -4.66 -4.29
C THR C 33 -3.18 -3.70 -4.48
N VAL C 34 -3.17 -2.94 -5.58
CA VAL C 34 -4.37 -2.21 -5.98
C VAL C 34 -5.29 -3.06 -6.84
N SER C 35 -4.90 -4.29 -7.16
CA SER C 35 -5.86 -5.11 -7.87
C SER C 35 -6.88 -5.70 -6.89
N PRO C 36 -8.10 -5.97 -7.35
CA PRO C 36 -9.05 -6.72 -6.51
C PRO C 36 -8.73 -8.21 -6.41
N THR C 37 -7.88 -8.75 -7.28
CA THR C 37 -7.47 -10.15 -7.17
C THR C 37 -6.64 -10.36 -5.90
N LEU C 38 -6.92 -11.43 -5.18
CA LEU C 38 -6.13 -11.74 -3.98
C LEU C 38 -4.84 -12.47 -4.37
N TYR C 39 -3.73 -12.05 -3.79
CA TYR C 39 -2.44 -12.72 -3.96
C TYR C 39 -1.98 -13.22 -2.58
N PHE C 40 -2.33 -14.46 -2.24
CA PHE C 40 -1.96 -15.01 -0.95
C PHE C 40 -0.50 -15.44 -0.93
N LEU C 41 0.19 -15.14 0.17
CA LEU C 41 1.54 -15.64 0.35
C LEU C 41 1.48 -17.16 0.59
N HIS C 42 2.28 -17.92 -0.14
CA HIS C 42 2.36 -19.37 0.09
C HIS C 42 2.86 -19.66 1.51
N SER C 43 2.20 -20.60 2.19
CA SER C 43 2.58 -20.90 3.57
C SER C 43 4.03 -21.34 3.69
N GLU C 44 4.60 -21.92 2.62
CA GLU C 44 6.00 -22.35 2.66
C GLU C 44 6.95 -21.17 2.86
N SER C 45 6.50 -19.95 2.55
CA SER C 45 7.38 -18.79 2.59
C SER C 45 7.42 -18.14 3.95
N LEU C 46 6.48 -18.44 4.83
CA LEU C 46 6.45 -17.80 6.14
C LEU C 46 7.76 -17.97 6.88
N PRO C 47 8.32 -19.17 7.08
CA PRO C 47 9.63 -19.25 7.75
C PRO C 47 10.70 -18.49 7.01
N ALA C 48 10.62 -18.44 5.67
CA ALA C 48 11.61 -17.68 4.90
C ALA C 48 11.60 -16.20 5.26
N LEU C 49 10.41 -15.65 5.51
CA LEU C 49 10.24 -14.23 5.78
C LEU C 49 10.16 -13.93 7.29
N ASP C 50 10.50 -14.89 8.15
CA ASP C 50 10.38 -14.74 9.60
C ASP C 50 8.97 -14.32 10.02
N LEU C 51 7.97 -14.97 9.44
CA LEU C 51 6.58 -14.85 9.85
C LEU C 51 6.12 -16.14 10.55
N LYS C 52 4.91 -16.11 11.10
CA LYS C 52 4.34 -17.25 11.79
C LYS C 52 2.88 -17.42 11.40
N PRO C 53 2.33 -18.65 11.47
CA PRO C 53 0.95 -18.90 11.02
C PRO C 53 -0.12 -18.28 11.92
N ARG C 62 2.25 -11.93 13.91
CA ARG C 62 1.82 -10.64 14.43
C ARG C 62 2.44 -9.48 13.64
N ARG C 63 3.55 -9.75 12.97
CA ARG C 63 4.28 -8.72 12.25
C ARG C 63 3.39 -8.10 11.16
N PRO C 64 3.31 -6.79 11.09
CA PRO C 64 2.31 -6.16 10.20
C PRO C 64 2.66 -6.22 8.72
N TRP C 65 3.94 -6.20 8.39
CA TRP C 65 4.34 -6.19 6.98
C TRP C 65 5.82 -6.52 6.89
N VAL C 66 6.21 -7.08 5.74
CA VAL C 66 7.61 -7.26 5.37
C VAL C 66 7.72 -6.99 3.88
N LEU C 67 8.89 -6.54 3.47
CA LEU C 67 9.24 -6.53 2.06
C LEU C 67 9.67 -7.93 1.64
N GLY C 68 9.25 -8.32 0.44
CA GLY C 68 9.65 -9.58 -0.12
C GLY C 68 10.05 -9.44 -1.58
N LYS C 69 10.65 -10.50 -2.09
CA LYS C 69 10.93 -10.65 -3.51
C LYS C 69 10.11 -11.81 -4.02
N VAL C 70 9.23 -11.53 -5.01
CA VAL C 70 8.41 -12.56 -5.63
C VAL C 70 9.31 -13.55 -6.37
N MET C 71 9.07 -14.84 -6.15
CA MET C 71 9.87 -15.91 -6.76
C MET C 71 9.04 -16.93 -7.52
N GLU C 72 7.75 -17.06 -7.23
CA GLU C 72 6.93 -18.04 -7.91
C GLU C 72 5.47 -17.70 -7.68
N LYS C 73 4.64 -17.91 -8.68
CA LYS C 73 3.22 -17.65 -8.49
C LYS C 73 2.37 -18.74 -9.11
N GLU C 74 1.32 -19.08 -8.40
CA GLU C 74 0.35 -20.11 -8.73
C GLU C 74 -1.01 -19.44 -8.88
N TYR C 75 -1.77 -19.80 -9.90
CA TYR C 75 -3.16 -19.35 -10.01
C TYR C 75 -4.07 -20.50 -9.59
N CYS C 76 -4.94 -20.24 -8.61
CA CYS C 76 -5.77 -21.26 -7.99
C CYS C 76 -7.24 -20.89 -8.06
N GLN C 77 -8.09 -21.85 -7.70
CA GLN C 77 -9.52 -21.62 -7.56
C GLN C 77 -10.07 -22.41 -6.38
N ALA C 78 -10.75 -21.71 -5.47
CA ALA C 78 -11.40 -22.36 -4.34
C ALA C 78 -12.46 -23.34 -4.80
N LYS C 79 -12.40 -24.57 -4.29
CA LYS C 79 -13.32 -25.60 -4.70
C LYS C 79 -14.26 -26.06 -3.59
N LYS C 80 -14.10 -25.58 -2.36
CA LYS C 80 -15.09 -25.89 -1.33
C LYS C 80 -15.39 -24.65 -0.51
N ALA C 81 -16.52 -24.69 0.19
CA ALA C 81 -17.19 -23.48 0.68
C ALA C 81 -16.34 -22.74 1.69
N GLN C 82 -16.01 -23.38 2.81
CA GLN C 82 -15.04 -22.78 3.72
C GLN C 82 -13.67 -23.38 3.44
N ASN C 83 -12.67 -22.51 3.37
CA ASN C 83 -11.32 -22.88 3.02
C ASN C 83 -10.38 -22.05 3.90
N ARG C 84 -9.09 -22.34 3.82
CA ARG C 84 -8.14 -21.62 4.66
C ARG C 84 -7.99 -20.16 4.24
N PHE C 85 -8.42 -19.81 3.03
CA PHE C 85 -8.28 -18.43 2.56
C PHE C 85 -9.48 -17.56 2.91
N LYS C 86 -10.56 -18.15 3.41
CA LYS C 86 -11.76 -17.42 3.77
C LYS C 86 -12.34 -16.69 2.56
N VAL C 87 -12.28 -17.33 1.39
CA VAL C 87 -12.81 -16.73 0.17
C VAL C 87 -14.07 -17.47 -0.24
N PRO C 88 -15.00 -16.84 -0.95
CA PRO C 88 -16.18 -17.56 -1.43
C PRO C 88 -15.79 -18.75 -2.29
N LEU C 89 -16.65 -19.75 -2.32
CA LEU C 89 -16.48 -20.86 -3.25
C LEU C 89 -16.33 -20.31 -4.66
N GLY C 90 -15.42 -20.91 -5.44
CA GLY C 90 -15.24 -20.54 -6.83
C GLY C 90 -14.33 -19.34 -7.06
N THR C 91 -14.02 -18.58 -6.00
CA THR C 91 -13.06 -17.48 -6.08
C THR C 91 -11.77 -17.95 -6.76
N LYS C 92 -11.22 -17.09 -7.61
CA LYS C 92 -9.94 -17.34 -8.26
C LYS C 92 -8.91 -16.34 -7.72
N PHE C 93 -7.77 -16.87 -7.30
CA PHE C 93 -6.79 -16.13 -6.52
C PHE C 93 -5.42 -16.68 -6.84
N TYR C 94 -4.39 -15.97 -6.39
CA TYR C 94 -3.02 -16.42 -6.59
C TYR C 94 -2.39 -16.88 -5.28
N ARG C 95 -1.44 -17.80 -5.38
CA ARG C 95 -0.56 -18.14 -4.29
C ARG C 95 0.86 -17.82 -4.71
N VAL C 96 1.57 -17.06 -3.88
CA VAL C 96 2.86 -16.50 -4.23
C VAL C 96 3.88 -16.95 -3.19
N LYS C 97 5.01 -17.48 -3.66
CA LYS C 97 6.16 -17.74 -2.81
C LYS C 97 7.12 -16.59 -2.95
N ALA C 98 7.69 -16.16 -1.82
CA ALA C 98 8.55 -14.98 -1.81
C ALA C 98 9.66 -15.17 -0.79
N VAL C 99 10.85 -14.63 -1.09
CA VAL C 99 11.97 -14.64 -0.17
C VAL C 99 12.21 -13.23 0.39
N SER C 100 13.04 -13.17 1.42
CA SER C 100 13.53 -11.93 2.03
C SER C 100 14.17 -11.01 1.01
N TRP C 101 13.92 -9.72 1.16
CA TRP C 101 14.60 -8.74 0.30
C TRP C 101 16.10 -8.85 0.56
N ASN C 102 16.55 -8.48 1.76
CA ASN C 102 17.95 -8.66 2.10
C ASN C 102 18.17 -8.65 3.60
N SER D 5 -4.14 -29.16 0.08
CA SER D 5 -5.30 -30.01 0.29
C SER D 5 -6.19 -30.04 -0.96
N SEP D 6 -7.48 -30.32 -0.75
CA SEP D 6 -8.46 -30.37 -1.82
CB SEP D 6 -9.26 -31.66 -1.78
OG SEP D 6 -10.27 -31.58 -0.78
C SEP D 6 -9.42 -29.18 -1.75
O SEP D 6 -10.48 -29.19 -2.37
P SEP D 6 -9.98 -32.63 0.41
O1P SEP D 6 -9.61 -34.06 -0.25
O2P SEP D 6 -11.27 -32.81 1.33
O3P SEP D 6 -8.75 -32.10 1.30
N GLU D 7 -9.03 -28.16 -0.99
CA GLU D 7 -9.85 -26.97 -0.82
C GLU D 7 -9.87 -26.16 -2.12
N PHE D 8 -8.78 -26.27 -2.87
CA PHE D 8 -8.58 -25.43 -4.05
C PHE D 8 -7.84 -26.25 -5.10
N GLU D 9 -7.91 -25.78 -6.35
CA GLU D 9 -7.24 -26.43 -7.47
C GLU D 9 -6.42 -25.39 -8.22
N VAL D 10 -5.23 -25.81 -8.69
CA VAL D 10 -4.45 -24.95 -9.57
C VAL D 10 -5.05 -25.00 -10.96
N VAL D 11 -5.06 -23.85 -11.64
CA VAL D 11 -5.80 -23.65 -12.88
C VAL D 11 -5.00 -22.69 -13.76
N THR D 12 -5.42 -22.60 -15.04
CA THR D 12 -4.79 -21.77 -16.08
C THR D 12 -5.34 -20.35 -16.05
N PRO D 13 -4.50 -19.31 -16.18
CA PRO D 13 -4.95 -17.91 -16.13
C PRO D 13 -5.55 -17.42 -17.45
MG MG E . 3.10 5.51 -2.35
C1 GOL F . 1.59 -0.41 6.27
O1 GOL F . 1.28 0.82 6.91
C2 GOL F . 0.29 -1.24 6.16
O2 GOL F . 0.48 -2.56 6.60
C3 GOL F . -0.14 -1.15 4.66
O3 GOL F . -1.56 -1.23 4.56
C1 GOL G . -5.50 -0.36 -1.91
O1 GOL G . -6.33 -0.31 -3.02
C2 GOL G . -5.89 0.84 -1.02
O2 GOL G . -6.30 1.94 -1.80
C3 GOL G . -4.61 1.10 -0.15
O3 GOL G . -4.90 0.84 1.22
MG MG H . 3.19 -5.10 -2.78
#